data_4MRT
#
_entry.id   4MRT
#
_cell.length_a   160.660
_cell.length_b   39.090
_cell.length_c   53.310
_cell.angle_alpha   90.000
_cell.angle_beta   107.030
_cell.angle_gamma   90.000
#
_symmetry.space_group_name_H-M   'C 1 2 1'
#
loop_
_entity.id
_entity.type
_entity.pdbx_description
1 polymer 'Tyrocidine synthase 3'
2 polymer "4'-phosphopantetheinyl transferase sfp"
3 non-polymer 'MAGNESIUM ION'
4 non-polymer 'COENZYME A'
5 non-polymer GLYCEROL
6 non-polymer 'SULFATE ION'
7 water water
#
loop_
_entity_poly.entity_id
_entity_poly.type
_entity_poly.pdbx_seq_one_letter_code
_entity_poly.pdbx_strand_id
1 'polypeptide(L)'
;PVTEAQYVAPTNAVESKLAEIWERVLGVSGIGILDNFFQIGGHALKAMAVAAQVHREYQVELPLKVLFAQPTIKALAQYV
ATRSHHHHHH
;
C
2 'polypeptide(L)'
;MKIYGIYMDRPLSQEENERFMTFISPEKREKCRRFYHKEDAHRTLLGDVLVRSVISRQYQLDKSDIRFSTQEYGKPCIPD
LPDAHFNISHSGRWVIGAFDSQPIGIDIEKTKPISLEIAKRFFSKTEYSDLLAKDKDEQTDYFYHLWSMKESFIKQEGKG
LSLPLDSFSVRLHQDGQVSIELPDSHSPCYIKTYEVDPGYKMAVCAAHPDFPEDITMVSYEELLRSHHHHHH
;
A
#
# COMPACT_ATOMS: atom_id res chain seq x y z
N TYR A 7 -12.66 12.61 -18.95
CA TYR A 7 -11.77 13.74 -18.59
C TYR A 7 -12.56 15.05 -18.41
N VAL A 8 -12.34 15.73 -17.30
CA VAL A 8 -12.92 17.05 -17.08
C VAL A 8 -11.81 18.05 -16.75
N ALA A 9 -11.69 19.10 -17.58
CA ALA A 9 -10.62 20.07 -17.41
C ALA A 9 -10.91 20.85 -16.14
N PRO A 10 -9.86 21.34 -15.44
CA PRO A 10 -10.06 22.20 -14.29
C PRO A 10 -10.83 23.48 -14.61
N THR A 11 -11.67 23.91 -13.66
CA THR A 11 -12.60 25.02 -13.86
C THR A 11 -12.29 26.23 -12.98
N ASN A 12 -11.28 26.13 -12.13
CA ASN A 12 -10.90 27.25 -11.25
C ASN A 12 -9.46 27.11 -10.79
N ALA A 13 -8.95 28.13 -10.09
CA ALA A 13 -7.53 28.19 -9.73
C ALA A 13 -7.09 27.09 -8.77
N VAL A 14 -7.99 26.67 -7.87
CA VAL A 14 -7.63 25.67 -6.87
C VAL A 14 -7.59 24.28 -7.51
N GLU A 15 -8.51 23.99 -8.41
CA GLU A 15 -8.48 22.75 -9.16
C GLU A 15 -7.21 22.68 -10.02
N SER A 16 -6.87 23.78 -10.70
CA SER A 16 -5.73 23.74 -11.62
C SER A 16 -4.43 23.55 -10.85
N LYS A 17 -4.30 24.21 -9.70
CA LYS A 17 -3.12 24.10 -8.87
C LYS A 17 -2.97 22.67 -8.30
N LEU A 18 -4.06 22.13 -7.77
CA LEU A 18 -4.08 20.75 -7.30
C LEU A 18 -3.74 19.78 -8.42
N ALA A 19 -4.20 20.09 -9.62
CA ALA A 19 -3.84 19.28 -10.80
C ALA A 19 -2.34 19.36 -11.01
N GLU A 20 -1.76 20.54 -10.81
CA GLU A 20 -0.33 20.74 -11.05
C GLU A 20 0.46 19.99 -9.98
N ILE A 21 -0.03 20.08 -8.75
CA ILE A 21 0.55 19.31 -7.67
C ILE A 21 0.51 17.79 -7.95
N TRP A 22 -0.65 17.30 -8.38
CA TRP A 22 -0.82 15.87 -8.65
C TRP A 22 0.06 15.41 -9.81
N GLU A 23 0.11 16.22 -10.87
CA GLU A 23 0.91 15.93 -12.05
C GLU A 23 2.39 15.80 -11.71
N ARG A 24 2.85 16.71 -10.86
CA ARG A 24 4.23 16.72 -10.42
C ARG A 24 4.55 15.54 -9.49
N VAL A 25 3.61 15.18 -8.61
CA VAL A 25 3.78 14.06 -7.69
C VAL A 25 3.74 12.74 -8.48
N LEU A 26 2.79 12.62 -9.40
CA LEU A 26 2.58 11.39 -10.13
C LEU A 26 3.40 11.24 -11.42
N GLY A 27 3.99 12.31 -11.93
CA GLY A 27 4.71 12.25 -13.23
C GLY A 27 3.79 11.94 -14.39
N VAL A 28 2.59 12.51 -14.37
CA VAL A 28 1.62 12.29 -15.44
C VAL A 28 1.03 13.63 -15.78
N SER A 29 0.67 13.81 -17.05
CA SER A 29 0.25 15.12 -17.54
C SER A 29 -1.25 15.11 -17.87
N GLY A 30 -1.89 16.25 -17.66
CA GLY A 30 -3.27 16.44 -18.12
C GLY A 30 -4.30 15.67 -17.32
N ILE A 31 -4.28 15.85 -16.02
CA ILE A 31 -5.20 15.12 -15.12
C ILE A 31 -6.55 15.86 -15.10
N GLY A 32 -7.65 15.13 -15.28
CA GLY A 32 -8.98 15.70 -15.13
C GLY A 32 -9.39 15.77 -13.66
N ILE A 33 -10.46 16.51 -13.37
CA ILE A 33 -10.81 16.79 -11.98
C ILE A 33 -11.71 15.71 -11.39
N LEU A 34 -12.12 14.75 -12.23
CA LEU A 34 -12.86 13.58 -11.79
C LEU A 34 -11.97 12.32 -11.81
N ASP A 35 -10.68 12.46 -12.10
CA ASP A 35 -9.79 11.30 -12.20
C ASP A 35 -9.56 10.79 -10.78
N ASN A 36 -9.71 9.51 -10.59
CA ASN A 36 -9.40 8.92 -9.29
C ASN A 36 -7.89 8.80 -9.07
N PHE A 37 -7.38 9.46 -8.02
CA PHE A 37 -5.94 9.49 -7.70
C PHE A 37 -5.27 8.12 -7.75
N PHE A 38 -5.97 7.11 -7.23
CA PHE A 38 -5.42 5.78 -7.10
C PHE A 38 -5.55 4.93 -8.35
N GLN A 39 -6.27 5.42 -9.36
CA GLN A 39 -6.38 4.71 -10.65
C GLN A 39 -5.38 5.26 -11.68
N ILE A 40 -4.78 6.40 -11.39
CA ILE A 40 -3.87 7.06 -12.31
C ILE A 40 -2.43 7.10 -11.80
N GLY A 41 -2.10 6.20 -10.88
CA GLY A 41 -0.72 6.03 -10.37
C GLY A 41 -0.52 6.42 -8.92
N GLY A 42 -1.55 6.95 -8.28
CA GLY A 42 -1.44 7.32 -6.89
C GLY A 42 -1.33 6.07 -6.01
N HIS A 43 -0.68 6.25 -4.89
CA HIS A 43 -0.60 5.25 -3.82
C HIS A 43 -0.21 6.01 -2.56
N ALA A 44 -0.10 5.31 -1.44
CA ALA A 44 -0.03 5.94 -0.13
C ALA A 44 1.08 6.92 0.03
N LEU A 45 2.29 6.52 -0.36
CA LEU A 45 3.44 7.38 -0.24
C LEU A 45 3.22 8.68 -1.01
N LYS A 46 2.72 8.58 -2.23
CA LYS A 46 2.43 9.77 -3.03
C LYS A 46 1.24 10.58 -2.48
N ALA A 47 0.29 9.93 -1.80
CA ALA A 47 -0.78 10.66 -1.13
C ALA A 47 -0.21 11.58 -0.04
N MET A 48 0.87 11.13 0.64
CA MET A 48 1.51 11.91 1.73
C MET A 48 2.14 13.16 1.12
N ALA A 49 2.89 12.96 0.04
CA ALA A 49 3.46 14.07 -0.73
C ALA A 49 2.39 15.03 -1.18
N VAL A 50 1.25 14.51 -1.66
CA VAL A 50 0.14 15.40 -2.02
C VAL A 50 -0.33 16.25 -0.83
N ALA A 51 -0.53 15.63 0.33
CA ALA A 51 -0.96 16.32 1.54
C ALA A 51 0.07 17.33 2.06
N ALA A 52 1.35 16.98 1.98
CA ALA A 52 2.41 17.93 2.33
C ALA A 52 2.38 19.22 1.46
N GLN A 53 2.16 19.05 0.15
CA GLN A 53 2.18 20.19 -0.75
C GLN A 53 0.90 21.03 -0.67
N VAL A 54 -0.21 20.42 -0.26
CA VAL A 54 -1.45 21.18 0.00
C VAL A 54 -1.25 22.07 1.23
N HIS A 55 -0.58 21.56 2.26
CA HIS A 55 -0.29 22.37 3.44
C HIS A 55 0.67 23.51 3.12
N ARG A 56 1.68 23.23 2.31
CA ARG A 56 2.64 24.25 1.87
C ARG A 56 1.99 25.34 1.01
N GLU A 57 1.04 24.94 0.18
CA GLU A 57 0.37 25.86 -0.71
C GLU A 57 -0.72 26.66 0.00
N TYR A 58 -1.55 26.00 0.78
CA TYR A 58 -2.76 26.62 1.31
C TYR A 58 -2.85 26.67 2.82
N GLN A 59 -1.80 26.29 3.53
CA GLN A 59 -1.84 26.19 5.01
C GLN A 59 -3.02 25.37 5.49
N VAL A 60 -3.45 24.39 4.69
CA VAL A 60 -4.58 23.52 5.03
C VAL A 60 -4.08 22.10 5.32
N GLU A 61 -4.54 21.56 6.44
CA GLU A 61 -4.25 20.21 6.84
C GLU A 61 -5.19 19.30 6.08
N LEU A 62 -4.64 18.49 5.17
CA LEU A 62 -5.45 17.53 4.43
C LEU A 62 -5.35 16.17 5.12
N PRO A 63 -6.37 15.78 5.91
CA PRO A 63 -6.27 14.46 6.52
C PRO A 63 -6.24 13.41 5.43
N LEU A 64 -5.42 12.39 5.62
CA LEU A 64 -5.24 11.39 4.58
C LEU A 64 -6.52 10.64 4.30
N LYS A 65 -7.31 10.40 5.34
CA LYS A 65 -8.58 9.68 5.18
C LYS A 65 -9.52 10.41 4.23
N VAL A 66 -9.44 11.75 4.20
CA VAL A 66 -10.22 12.54 3.26
C VAL A 66 -9.78 12.31 1.80
N LEU A 67 -8.47 12.30 1.56
CA LEU A 67 -7.97 12.00 0.21
C LEU A 67 -8.40 10.62 -0.26
N PHE A 68 -8.34 9.63 0.63
CA PHE A 68 -8.75 8.27 0.28
C PHE A 68 -10.26 8.13 0.06
N ALA A 69 -11.03 8.89 0.83
CA ALA A 69 -12.49 8.82 0.79
C ALA A 69 -13.09 9.43 -0.49
N GLN A 70 -12.47 10.51 -0.98
CA GLN A 70 -12.94 11.25 -2.14
C GLN A 70 -11.69 11.69 -2.98
N PRO A 71 -11.07 10.75 -3.70
CA PRO A 71 -9.75 10.87 -4.36
C PRO A 71 -9.81 11.52 -5.73
N THR A 72 -10.46 12.68 -5.79
CA THR A 72 -10.56 13.47 -7.02
C THR A 72 -10.20 14.91 -6.67
N ILE A 73 -9.64 15.60 -7.66
CA ILE A 73 -9.30 17.01 -7.54
C ILE A 73 -10.52 17.88 -7.21
N LYS A 74 -11.65 17.60 -7.80
CA LYS A 74 -12.85 18.38 -7.55
C LYS A 74 -13.20 18.34 -6.07
N ALA A 75 -13.28 17.12 -5.52
CA ALA A 75 -13.58 16.95 -4.11
C ALA A 75 -12.54 17.63 -3.24
N LEU A 76 -11.26 17.40 -3.56
CA LEU A 76 -10.17 17.96 -2.78
C LEU A 76 -10.10 19.47 -2.81
N ALA A 77 -10.32 20.05 -3.99
CA ALA A 77 -10.44 21.50 -4.16
C ALA A 77 -11.53 22.05 -3.25
N GLN A 78 -12.70 21.40 -3.27
CA GLN A 78 -13.83 21.78 -2.41
C GLN A 78 -13.39 21.87 -0.97
N TYR A 79 -12.86 20.77 -0.46
CA TYR A 79 -12.33 20.66 0.91
C TYR A 79 -11.30 21.75 1.22
N VAL A 80 -10.33 21.92 0.32
CA VAL A 80 -9.27 22.91 0.51
C VAL A 80 -9.82 24.34 0.49
N ALA A 81 -10.68 24.65 -0.47
CA ALA A 81 -11.25 26.00 -0.60
C ALA A 81 -11.98 26.36 0.69
N THR A 82 -12.92 25.51 1.11
CA THR A 82 -13.64 25.74 2.36
C THR A 82 -12.77 25.42 3.57
N ARG A 83 -11.89 26.36 3.93
CA ARG A 83 -10.99 26.25 5.09
C ARG A 83 -9.96 27.39 5.11
N MET B 1 1.69 -19.02 9.63
CA MET B 1 1.95 -17.87 8.69
C MET B 1 2.66 -18.29 7.40
N LYS B 2 2.21 -17.74 6.27
CA LYS B 2 2.89 -17.93 5.00
C LYS B 2 3.03 -16.58 4.28
N ILE B 3 4.18 -16.37 3.65
CA ILE B 3 4.42 -15.16 2.87
C ILE B 3 4.81 -15.61 1.47
N TYR B 4 4.03 -15.16 0.48
CA TYR B 4 4.29 -15.50 -0.92
C TYR B 4 4.70 -14.24 -1.64
N GLY B 5 5.59 -14.36 -2.61
CA GLY B 5 6.02 -13.23 -3.43
C GLY B 5 5.95 -13.52 -4.91
N ILE B 6 5.68 -12.48 -5.70
CA ILE B 6 5.68 -12.59 -7.15
C ILE B 6 6.61 -11.52 -7.66
N TYR B 7 7.65 -11.92 -8.38
CA TYR B 7 8.56 -10.96 -8.99
C TYR B 7 8.23 -10.83 -10.48
N MET B 8 7.93 -9.61 -10.89
CA MET B 8 7.52 -9.35 -12.26
C MET B 8 8.74 -9.08 -13.10
N ASP B 9 9.46 -10.14 -13.47
CA ASP B 9 10.64 -9.95 -14.36
C ASP B 9 10.26 -9.53 -15.78
N ARG B 10 9.01 -9.78 -16.16
CA ARG B 10 8.45 -9.20 -17.38
C ARG B 10 6.99 -8.81 -17.15
N PRO B 11 6.42 -7.97 -18.04
CA PRO B 11 4.98 -7.71 -18.01
C PRO B 11 4.14 -8.95 -18.33
N LEU B 12 2.88 -8.96 -17.89
CA LEU B 12 1.97 -10.02 -18.28
C LEU B 12 1.70 -9.86 -19.77
N SER B 13 1.65 -10.99 -20.48
CA SER B 13 1.18 -11.00 -21.86
C SER B 13 -0.32 -10.74 -21.88
N GLN B 14 -0.85 -10.57 -23.07
CA GLN B 14 -2.26 -10.28 -23.24
C GLN B 14 -3.06 -11.53 -22.91
N GLU B 15 -2.50 -12.67 -23.28
CA GLU B 15 -3.07 -13.99 -22.96
C GLU B 15 -3.19 -14.17 -21.46
N GLU B 16 -2.06 -13.99 -20.77
CA GLU B 16 -1.99 -14.13 -19.31
C GLU B 16 -2.97 -13.19 -18.63
N ASN B 17 -2.92 -11.94 -19.05
CA ASN B 17 -3.84 -10.92 -18.52
C ASN B 17 -5.28 -11.37 -18.67
N GLU B 18 -5.65 -11.80 -19.87
CA GLU B 18 -7.02 -12.22 -20.11
C GLU B 18 -7.35 -13.46 -19.29
N ARG B 19 -6.38 -14.36 -19.13
CA ARG B 19 -6.61 -15.58 -18.35
C ARG B 19 -6.78 -15.23 -16.88
N PHE B 20 -5.92 -14.34 -16.36
CA PHE B 20 -6.07 -13.88 -14.98
C PHE B 20 -7.42 -13.18 -14.77
N MET B 21 -7.88 -12.41 -15.75
CA MET B 21 -9.19 -11.74 -15.66
C MET B 21 -10.36 -12.71 -15.50
N THR B 22 -10.20 -13.91 -16.05
CA THR B 22 -11.15 -15.01 -15.89
C THR B 22 -11.45 -15.38 -14.43
N PHE B 23 -10.48 -15.22 -13.54
CA PHE B 23 -10.63 -15.70 -12.15
C PHE B 23 -11.36 -14.73 -11.24
N ILE B 24 -11.46 -13.47 -11.67
CA ILE B 24 -11.87 -12.39 -10.78
C ILE B 24 -13.33 -11.99 -10.99
N SER B 25 -13.83 -11.13 -10.10
CA SER B 25 -15.21 -10.66 -10.16
C SER B 25 -15.40 -9.66 -11.31
N PRO B 26 -16.64 -9.50 -11.80
CA PRO B 26 -16.90 -8.46 -12.81
C PRO B 26 -16.41 -7.08 -12.35
N GLU B 27 -16.68 -6.77 -11.08
CA GLU B 27 -16.30 -5.49 -10.50
C GLU B 27 -14.79 -5.29 -10.55
N LYS B 28 -14.05 -6.28 -10.07
CA LYS B 28 -12.59 -6.24 -10.15
C LYS B 28 -12.09 -6.09 -11.60
N ARG B 29 -12.76 -6.75 -12.56
CA ARG B 29 -12.38 -6.59 -13.98
C ARG B 29 -12.50 -5.15 -14.43
N GLU B 30 -13.63 -4.52 -14.13
CA GLU B 30 -13.85 -3.13 -14.51
C GLU B 30 -12.82 -2.24 -13.80
N LYS B 31 -12.50 -2.55 -12.55
CA LYS B 31 -11.45 -1.82 -11.85
C LYS B 31 -10.09 -1.90 -12.59
N CYS B 32 -9.66 -3.10 -12.99
CA CYS B 32 -8.41 -3.25 -13.71
C CYS B 32 -8.40 -2.48 -15.02
N ARG B 33 -9.54 -2.44 -15.71
CA ARG B 33 -9.71 -1.67 -16.92
C ARG B 33 -9.66 -0.17 -16.71
N ARG B 34 -9.90 0.29 -15.48
CA ARG B 34 -9.89 1.73 -15.20
C ARG B 34 -8.49 2.27 -14.86
N PHE B 35 -7.48 1.41 -14.79
CA PHE B 35 -6.14 1.89 -14.47
C PHE B 35 -5.54 2.57 -15.69
N TYR B 36 -4.99 3.75 -15.46
CA TYR B 36 -4.32 4.52 -16.50
C TYR B 36 -3.01 3.85 -16.92
N HIS B 37 -2.25 3.32 -15.94
CA HIS B 37 -1.01 2.58 -16.18
C HIS B 37 -1.22 1.08 -16.13
N LYS B 38 -0.72 0.38 -17.15
CA LYS B 38 -0.90 -1.08 -17.27
C LYS B 38 -0.34 -1.81 -16.04
N GLU B 39 0.82 -1.35 -15.57
CA GLU B 39 1.51 -2.04 -14.47
C GLU B 39 0.71 -1.99 -13.17
N ASP B 40 -0.01 -0.89 -12.94
CA ASP B 40 -0.92 -0.80 -11.79
C ASP B 40 -2.04 -1.82 -11.93
N ALA B 41 -2.63 -1.92 -13.12
CA ALA B 41 -3.57 -3.00 -13.42
C ALA B 41 -2.97 -4.38 -13.12
N HIS B 42 -1.78 -4.64 -13.63
CA HIS B 42 -1.15 -5.96 -13.43
C HIS B 42 -0.86 -6.29 -11.97
N ARG B 43 -0.39 -5.30 -11.20
CA ARG B 43 -0.12 -5.49 -9.78
C ARG B 43 -1.38 -5.86 -8.98
N THR B 44 -2.49 -5.18 -9.30
CA THR B 44 -3.73 -5.40 -8.55
C THR B 44 -4.27 -6.74 -8.93
N LEU B 45 -4.16 -7.04 -10.22
CA LEU B 45 -4.63 -8.30 -10.76
C LEU B 45 -3.91 -9.48 -10.13
N LEU B 46 -2.58 -9.41 -10.12
CA LEU B 46 -1.75 -10.46 -9.58
C LEU B 46 -2.00 -10.69 -8.09
N GLY B 47 -2.19 -9.60 -7.35
CA GLY B 47 -2.50 -9.70 -5.95
C GLY B 47 -3.80 -10.41 -5.68
N ASP B 48 -4.83 -10.07 -6.45
CA ASP B 48 -6.12 -10.73 -6.35
C ASP B 48 -6.02 -12.23 -6.61
N VAL B 49 -5.33 -12.58 -7.68
CA VAL B 49 -5.16 -13.98 -8.06
C VAL B 49 -4.27 -14.72 -7.04
N LEU B 50 -3.26 -14.04 -6.50
CA LEU B 50 -2.42 -14.64 -5.47
C LEU B 50 -3.28 -15.07 -4.29
N VAL B 51 -4.13 -14.18 -3.80
CA VAL B 51 -5.04 -14.56 -2.70
C VAL B 51 -6.00 -15.68 -3.14
N ARG B 52 -6.51 -15.60 -4.35
CA ARG B 52 -7.46 -16.63 -4.82
C ARG B 52 -6.74 -17.98 -4.84
N SER B 53 -5.55 -18.00 -5.44
CA SER B 53 -4.77 -19.24 -5.54
C SER B 53 -4.40 -19.87 -4.19
N VAL B 54 -3.89 -19.06 -3.26
CA VAL B 54 -3.46 -19.60 -1.96
C VAL B 54 -4.64 -20.10 -1.14
N ILE B 55 -5.71 -19.32 -1.09
CA ILE B 55 -6.85 -19.68 -0.24
C ILE B 55 -7.69 -20.81 -0.89
N SER B 56 -7.78 -20.82 -2.22
CA SER B 56 -8.47 -21.91 -2.90
C SER B 56 -7.76 -23.26 -2.67
N ARG B 57 -6.42 -23.26 -2.75
CA ARG B 57 -5.68 -24.48 -2.46
C ARG B 57 -5.94 -24.95 -1.03
N GLN B 58 -6.02 -24.02 -0.10
CA GLN B 58 -6.11 -24.34 1.31
C GLN B 58 -7.47 -24.89 1.70
N TYR B 59 -8.53 -24.39 1.06
CA TYR B 59 -9.90 -24.81 1.40
C TYR B 59 -10.51 -25.71 0.31
N GLN B 60 -9.71 -26.05 -0.69
CA GLN B 60 -10.13 -26.91 -1.80
C GLN B 60 -11.34 -26.37 -2.58
N LEU B 61 -11.34 -25.05 -2.78
CA LEU B 61 -12.33 -24.36 -3.60
C LEU B 61 -11.70 -24.09 -4.95
N ASP B 62 -12.51 -23.71 -5.91
CA ASP B 62 -12.00 -23.21 -7.18
C ASP B 62 -11.65 -21.74 -6.96
N LYS B 63 -10.69 -21.25 -7.75
CA LYS B 63 -10.21 -19.88 -7.65
C LYS B 63 -11.34 -18.87 -7.79
N SER B 64 -12.21 -19.12 -8.76
CA SER B 64 -13.24 -18.16 -9.11
C SER B 64 -14.42 -18.23 -8.15
N ASP B 65 -14.47 -19.22 -7.27
CA ASP B 65 -15.52 -19.31 -6.25
C ASP B 65 -15.39 -18.25 -5.18
N ILE B 66 -14.17 -17.76 -4.93
CA ILE B 66 -13.92 -16.86 -3.80
C ILE B 66 -14.65 -15.53 -4.02
N ARG B 67 -15.37 -15.08 -3.00
CA ARG B 67 -16.04 -13.77 -3.02
C ARG B 67 -15.38 -12.83 -2.01
N PHE B 68 -14.85 -11.71 -2.49
CA PHE B 68 -14.18 -10.74 -1.62
C PHE B 68 -15.17 -9.71 -1.13
N SER B 69 -14.91 -9.15 0.05
CA SER B 69 -15.50 -7.89 0.43
C SER B 69 -14.38 -6.96 0.94
N THR B 70 -14.76 -5.83 1.50
CA THR B 70 -13.86 -4.98 2.25
C THR B 70 -14.58 -4.48 3.50
N GLN B 71 -13.85 -4.28 4.59
CA GLN B 71 -14.40 -3.56 5.75
C GLN B 71 -14.37 -2.03 5.51
N GLU B 72 -14.67 -1.24 6.52
CA GLU B 72 -14.97 0.18 6.32
C GLU B 72 -13.77 1.00 5.82
N TYR B 73 -12.56 0.58 6.11
CA TYR B 73 -11.35 1.27 5.64
C TYR B 73 -10.76 0.66 4.36
N GLY B 74 -11.49 -0.26 3.74
CA GLY B 74 -11.09 -0.83 2.48
C GLY B 74 -10.22 -2.08 2.58
N LYS B 75 -9.96 -2.57 3.80
CA LYS B 75 -9.22 -3.80 3.94
C LYS B 75 -10.03 -4.99 3.34
N PRO B 76 -9.43 -5.68 2.37
CA PRO B 76 -10.08 -6.84 1.76
C PRO B 76 -10.23 -8.03 2.73
N CYS B 77 -11.32 -8.76 2.59
CA CYS B 77 -11.56 -9.99 3.36
C CYS B 77 -12.41 -10.97 2.53
N ILE B 78 -12.58 -12.20 3.06
CA ILE B 78 -13.46 -13.21 2.48
C ILE B 78 -14.49 -13.57 3.58
N PRO B 79 -15.69 -12.97 3.52
CA PRO B 79 -16.71 -13.17 4.57
C PRO B 79 -17.03 -14.64 4.84
N ASP B 80 -17.06 -15.45 3.78
CA ASP B 80 -17.28 -16.91 3.91
C ASP B 80 -16.18 -17.64 4.66
N LEU B 81 -14.97 -17.09 4.63
CA LEU B 81 -13.80 -17.73 5.20
C LEU B 81 -13.08 -16.77 6.15
N PRO B 82 -13.70 -16.46 7.30
CA PRO B 82 -13.15 -15.47 8.22
C PRO B 82 -11.90 -15.93 9.00
N ASP B 83 -11.61 -17.22 8.96
CA ASP B 83 -10.39 -17.73 9.57
C ASP B 83 -9.19 -17.49 8.63
N ALA B 84 -9.44 -17.21 7.35
CA ALA B 84 -8.40 -17.01 6.34
C ALA B 84 -7.99 -15.54 6.19
N HIS B 85 -7.19 -15.08 7.14
CA HIS B 85 -6.76 -13.69 7.18
C HIS B 85 -5.62 -13.51 6.21
N PHE B 86 -5.63 -12.45 5.42
CA PHE B 86 -4.56 -12.22 4.43
C PHE B 86 -4.29 -10.73 4.26
N ASN B 87 -3.20 -10.39 3.56
CA ASN B 87 -2.95 -9.01 3.17
C ASN B 87 -1.96 -9.00 2.03
N ILE B 88 -2.12 -8.02 1.15
CA ILE B 88 -1.36 -7.88 -0.06
C ILE B 88 -0.66 -6.50 -0.06
N SER B 89 0.48 -6.43 -0.72
CA SER B 89 1.12 -5.20 -0.99
C SER B 89 1.79 -5.34 -2.32
N HIS B 90 1.89 -4.24 -3.03
CA HIS B 90 2.58 -4.25 -4.29
C HIS B 90 3.31 -2.96 -4.56
N SER B 91 4.47 -3.07 -5.18
CA SER B 91 5.25 -1.89 -5.57
C SER B 91 6.28 -2.33 -6.58
N GLY B 92 6.40 -1.56 -7.67
CA GLY B 92 7.38 -1.86 -8.70
C GLY B 92 7.15 -3.26 -9.24
N ARG B 93 8.19 -4.10 -9.16
CA ARG B 93 8.12 -5.45 -9.69
C ARG B 93 7.61 -6.47 -8.68
N TRP B 94 7.30 -6.04 -7.46
CA TRP B 94 6.90 -6.98 -6.42
C TRP B 94 5.42 -6.95 -6.11
N VAL B 95 4.84 -8.16 -6.02
CA VAL B 95 3.53 -8.37 -5.44
C VAL B 95 3.70 -9.43 -4.38
N ILE B 96 3.32 -9.09 -3.16
CA ILE B 96 3.56 -9.98 -2.02
C ILE B 96 2.29 -10.11 -1.20
N GLY B 97 2.14 -11.27 -0.59
CA GLY B 97 0.96 -11.54 0.19
C GLY B 97 1.34 -12.31 1.42
N ALA B 98 0.66 -12.02 2.51
CA ALA B 98 0.81 -12.71 3.78
C ALA B 98 -0.51 -13.34 4.16
N PHE B 99 -0.44 -14.49 4.83
CA PHE B 99 -1.60 -15.31 5.16
C PHE B 99 -1.42 -15.91 6.56
N ASP B 100 -2.47 -15.86 7.37
CA ASP B 100 -2.38 -16.31 8.76
C ASP B 100 -3.77 -16.57 9.31
N SER B 101 -3.84 -17.20 10.47
CA SER B 101 -5.10 -17.49 11.12
C SER B 101 -5.49 -16.31 12.01
N GLN B 102 -4.65 -15.27 12.05
CA GLN B 102 -5.00 -14.01 12.72
C GLN B 102 -4.70 -12.81 11.80
N PRO B 103 -5.29 -11.62 12.10
CA PRO B 103 -5.11 -10.50 11.19
C PRO B 103 -3.64 -10.23 10.96
N ILE B 104 -3.31 -9.82 9.75
CA ILE B 104 -1.92 -9.68 9.34
C ILE B 104 -1.82 -8.49 8.35
N GLY B 105 -0.66 -7.85 8.35
CA GLY B 105 -0.38 -6.72 7.49
C GLY B 105 0.95 -6.96 6.80
N ILE B 106 1.10 -6.41 5.60
CA ILE B 106 2.35 -6.53 4.87
C ILE B 106 2.52 -5.29 4.01
N ASP B 107 3.76 -4.87 3.83
CA ASP B 107 4.05 -3.75 2.93
C ASP B 107 5.43 -3.88 2.31
N ILE B 108 5.50 -3.49 1.05
CA ILE B 108 6.74 -3.37 0.28
C ILE B 108 6.63 -2.10 -0.49
N GLU B 109 7.74 -1.39 -0.56
CA GLU B 109 7.83 -0.14 -1.26
C GLU B 109 9.20 -0.02 -1.92
N LYS B 110 9.18 0.35 -3.18
CA LYS B 110 10.41 0.65 -3.92
C LYS B 110 11.05 1.90 -3.35
N THR B 111 12.35 1.87 -3.08
CA THR B 111 13.02 3.04 -2.56
C THR B 111 13.34 3.99 -3.70
N LYS B 112 13.31 5.27 -3.40
CA LYS B 112 13.58 6.35 -4.35
C LYS B 112 14.03 7.48 -3.46
N PRO B 113 15.10 8.20 -3.87
CA PRO B 113 15.49 9.27 -2.97
C PRO B 113 14.31 10.22 -2.72
N ILE B 114 14.29 10.80 -1.53
CA ILE B 114 13.13 11.52 -1.07
C ILE B 114 13.57 12.41 0.06
N SER B 115 12.85 13.49 0.29
CA SER B 115 13.22 14.38 1.37
C SER B 115 12.67 13.82 2.68
N LEU B 116 13.18 14.36 3.78
CA LEU B 116 12.75 13.96 5.10
C LEU B 116 11.47 14.69 5.48
N GLU B 117 10.96 15.53 4.58
CA GLU B 117 9.78 16.32 4.87
C GLU B 117 8.60 15.45 5.26
N ILE B 118 8.41 14.31 4.58
CA ILE B 118 7.28 13.41 4.88
C ILE B 118 7.46 12.83 6.29
N ALA B 119 8.69 12.44 6.65
CA ALA B 119 8.98 11.95 8.00
C ALA B 119 8.77 13.04 9.05
N LYS B 120 9.27 14.23 8.78
CA LYS B 120 9.12 15.35 9.71
C LYS B 120 7.63 15.62 9.97
N ARG B 121 6.86 15.70 8.90
CA ARG B 121 5.42 16.05 9.00
C ARG B 121 4.55 14.96 9.62
N PHE B 122 4.83 13.68 9.31
CA PHE B 122 3.89 12.59 9.62
C PHE B 122 4.32 11.57 10.66
N PHE B 123 5.62 11.27 10.74
CA PHE B 123 6.06 10.22 11.69
C PHE B 123 6.15 10.75 13.11
N SER B 124 6.22 9.84 14.08
CA SER B 124 6.39 10.25 15.48
C SER B 124 7.77 10.92 15.68
N LYS B 125 7.89 11.78 16.69
CA LYS B 125 9.16 12.50 16.94
C LYS B 125 10.34 11.52 17.11
N THR B 126 10.10 10.44 17.84
CA THR B 126 11.09 9.39 18.05
C THR B 126 11.68 8.85 16.72
N GLU B 127 10.80 8.63 15.74
CA GLU B 127 11.20 8.06 14.45
C GLU B 127 11.96 9.09 13.66
N TYR B 128 11.55 10.35 13.79
CA TYR B 128 12.18 11.42 13.06
C TYR B 128 13.61 11.63 13.57
N SER B 129 13.74 11.57 14.90
CA SER B 129 15.02 11.64 15.59
C SER B 129 15.93 10.45 15.20
N ASP B 130 15.38 9.24 15.23
CA ASP B 130 16.12 8.06 14.76
C ASP B 130 16.59 8.25 13.33
N LEU B 131 15.71 8.77 12.49
CA LEU B 131 16.04 9.01 11.10
C LEU B 131 17.20 10.00 10.95
N LEU B 132 17.15 11.10 11.70
CA LEU B 132 18.20 12.13 11.66
C LEU B 132 19.56 11.62 12.18
N ALA B 133 19.53 10.56 12.98
CA ALA B 133 20.71 9.92 13.51
C ALA B 133 21.50 9.13 12.48
N LYS B 134 20.87 8.80 11.35
CA LYS B 134 21.52 7.98 10.33
C LYS B 134 22.38 8.87 9.48
N ASP B 135 23.50 8.34 9.00
CA ASP B 135 24.29 9.10 8.03
C ASP B 135 23.52 9.25 6.72
N LYS B 136 23.79 10.33 5.99
CA LYS B 136 23.22 10.54 4.66
C LYS B 136 23.28 9.27 3.81
N ASP B 137 24.36 8.50 3.96
CA ASP B 137 24.53 7.17 3.35
C ASP B 137 23.38 6.17 3.57
N GLU B 138 22.56 6.43 4.56
CA GLU B 138 21.63 5.43 5.05
C GLU B 138 20.23 5.96 5.30
N GLN B 139 20.02 7.28 5.20
CA GLN B 139 18.75 7.89 5.59
C GLN B 139 17.57 7.53 4.68
N THR B 140 17.80 7.46 3.37
CA THR B 140 16.77 6.99 2.44
C THR B 140 16.35 5.57 2.80
N ASP B 141 17.35 4.71 2.98
CA ASP B 141 17.06 3.31 3.27
C ASP B 141 16.32 3.22 4.60
N TYR B 142 16.73 3.98 5.60
CA TYR B 142 16.02 3.91 6.89
C TYR B 142 14.62 4.48 6.81
N PHE B 143 14.42 5.50 5.96
CA PHE B 143 13.09 6.05 5.77
C PHE B 143 12.15 5.01 5.18
N TYR B 144 12.65 4.21 4.23
CA TYR B 144 11.79 3.22 3.59
C TYR B 144 11.48 2.02 4.49
N HIS B 145 12.43 1.66 5.36
CA HIS B 145 12.19 0.72 6.48
C HIS B 145 11.06 1.23 7.36
N LEU B 146 11.20 2.44 7.92
CA LEU B 146 10.16 3.04 8.74
C LEU B 146 8.82 3.06 8.04
N TRP B 147 8.83 3.55 6.80
CA TRP B 147 7.61 3.58 5.99
C TRP B 147 6.90 2.22 5.86
N SER B 148 7.64 1.19 5.43
CA SER B 148 7.07 -0.16 5.23
C SER B 148 6.70 -0.87 6.57
N MET B 149 7.49 -0.66 7.62
CA MET B 149 7.18 -1.20 8.96
C MET B 149 5.89 -0.62 9.53
N LYS B 150 5.78 0.71 9.47
CA LYS B 150 4.59 1.43 9.94
C LYS B 150 3.36 1.04 9.13
N GLU B 151 3.53 0.98 7.82
CA GLU B 151 2.42 0.58 6.99
C GLU B 151 2.00 -0.89 7.21
N SER B 152 2.96 -1.78 7.51
CA SER B 152 2.62 -3.14 7.86
C SER B 152 1.71 -3.14 9.11
N PHE B 153 2.02 -2.29 10.07
CA PHE B 153 1.20 -2.16 11.27
C PHE B 153 -0.23 -1.66 10.99
N ILE B 154 -0.34 -0.52 10.30
CA ILE B 154 -1.65 0.06 10.06
C ILE B 154 -2.50 -0.80 9.15
N LYS B 155 -1.84 -1.60 8.32
CA LYS B 155 -2.55 -2.54 7.47
C LYS B 155 -3.00 -3.76 8.25
N GLN B 156 -2.20 -4.21 9.23
CA GLN B 156 -2.62 -5.28 10.16
C GLN B 156 -3.86 -4.89 10.98
N GLU B 157 -3.78 -3.72 11.60
CA GLU B 157 -4.88 -3.13 12.36
C GLU B 157 -6.14 -2.97 11.50
N GLY B 158 -5.95 -2.65 10.23
CA GLY B 158 -7.04 -2.57 9.28
C GLY B 158 -7.51 -1.15 8.92
N LYS B 159 -7.10 -0.14 9.69
CA LYS B 159 -7.52 1.24 9.41
C LYS B 159 -6.68 1.94 8.34
N GLY B 160 -5.54 1.37 7.97
CA GLY B 160 -4.65 2.05 7.04
C GLY B 160 -4.36 3.47 7.51
N LEU B 161 -4.30 4.42 6.58
CA LEU B 161 -3.92 5.82 6.93
C LEU B 161 -4.97 6.65 7.71
N SER B 162 -6.12 6.07 8.04
CA SER B 162 -7.00 6.69 9.04
C SER B 162 -6.36 6.69 10.42
N LEU B 163 -5.40 5.78 10.63
CA LEU B 163 -4.66 5.72 11.87
C LEU B 163 -3.44 6.65 11.74
N PRO B 164 -3.38 7.72 12.57
CA PRO B 164 -2.28 8.67 12.43
C PRO B 164 -0.91 8.02 12.60
N LEU B 165 0.01 8.31 11.68
CA LEU B 165 1.34 7.76 11.74
C LEU B 165 2.15 8.19 12.97
N ASP B 166 1.77 9.26 13.64
CA ASP B 166 2.48 9.67 14.84
C ASP B 166 1.90 9.09 16.15
N SER B 167 0.94 8.18 16.04
CA SER B 167 0.26 7.61 17.23
C SER B 167 1.00 6.40 17.78
N PHE B 168 2.05 5.98 17.08
CA PHE B 168 2.84 4.84 17.50
C PHE B 168 4.22 5.02 16.92
N SER B 169 5.20 4.34 17.50
CA SER B 169 6.59 4.47 17.05
C SER B 169 7.15 3.10 16.74
N VAL B 170 7.90 3.01 15.65
CA VAL B 170 8.66 1.78 15.36
C VAL B 170 10.14 2.07 15.29
N ARG B 171 10.93 1.06 15.62
CA ARG B 171 12.39 1.16 15.57
C ARG B 171 13.02 -0.15 15.05
N LEU B 172 13.87 0.01 14.04
CA LEU B 172 14.72 -1.06 13.56
C LEU B 172 16.09 -0.94 14.24
N HIS B 173 16.41 -1.92 15.08
CA HIS B 173 17.63 -1.96 15.86
C HIS B 173 18.75 -2.57 15.04
N GLN B 174 19.97 -2.37 15.48
CA GLN B 174 21.16 -2.78 14.73
C GLN B 174 21.26 -4.30 14.56
N ASP B 175 20.72 -5.05 15.53
CA ASP B 175 20.70 -6.48 15.46
C ASP B 175 19.69 -7.00 14.44
N GLY B 176 18.82 -6.13 13.94
CA GLY B 176 17.83 -6.50 12.97
C GLY B 176 16.39 -6.71 13.46
N GLN B 177 16.16 -6.64 14.76
CA GLN B 177 14.81 -6.79 15.31
C GLN B 177 14.08 -5.44 15.28
N VAL B 178 12.76 -5.50 15.21
CA VAL B 178 11.92 -4.31 15.22
C VAL B 178 11.18 -4.24 16.55
N SER B 179 11.15 -3.05 17.16
CA SER B 179 10.32 -2.79 18.33
C SER B 179 9.23 -1.79 17.95
N ILE B 180 8.08 -1.92 18.63
CA ILE B 180 6.94 -1.04 18.45
C ILE B 180 6.47 -0.48 19.79
N GLU B 181 6.20 0.82 19.83
CA GLU B 181 5.67 1.45 21.04
C GLU B 181 4.17 1.63 20.82
N LEU B 182 3.38 0.84 21.56
CA LEU B 182 1.91 0.91 21.53
C LEU B 182 1.32 1.02 22.93
N PRO B 183 0.10 1.60 23.07
CA PRO B 183 -0.58 1.59 24.36
C PRO B 183 -1.18 0.21 24.61
N ASP B 184 -0.37 -0.67 25.22
CA ASP B 184 -0.72 -2.09 25.40
C ASP B 184 -1.06 -2.46 26.86
N SER B 185 -2.32 -2.67 27.25
CA SER B 185 -3.60 -2.46 26.51
C SER B 185 -3.73 -3.14 25.12
N HIS B 186 -3.26 -2.49 24.05
CA HIS B 186 -3.17 -3.13 22.72
C HIS B 186 -2.68 -4.57 22.78
N SER B 187 -3.28 -5.42 21.95
CA SER B 187 -2.85 -6.82 21.87
C SER B 187 -1.44 -6.90 21.29
N PRO B 188 -0.74 -8.02 21.56
CA PRO B 188 0.59 -8.26 21.01
C PRO B 188 0.67 -8.09 19.50
N CYS B 189 1.67 -7.36 19.02
CA CYS B 189 2.01 -7.51 17.65
C CYS B 189 3.52 -7.45 17.43
N TYR B 190 3.91 -7.99 16.29
CA TYR B 190 5.29 -8.28 16.00
C TYR B 190 5.51 -7.86 14.56
N ILE B 191 6.64 -7.21 14.34
CA ILE B 191 7.04 -6.81 13.00
C ILE B 191 8.38 -7.44 12.65
N LYS B 192 8.45 -8.02 11.45
CA LYS B 192 9.66 -8.49 10.85
C LYS B 192 9.92 -7.78 9.51
N THR B 193 11.13 -7.27 9.31
CA THR B 193 11.56 -6.79 8.03
C THR B 193 12.09 -7.99 7.22
N TYR B 194 11.93 -7.90 5.89
CA TYR B 194 12.46 -8.88 4.96
C TYR B 194 13.32 -8.17 3.90
N GLU B 195 14.49 -8.73 3.64
CA GLU B 195 15.34 -8.26 2.54
C GLU B 195 15.19 -9.19 1.36
N VAL B 196 14.30 -8.84 0.45
CA VAL B 196 14.03 -9.69 -0.71
C VAL B 196 14.64 -9.07 -1.96
N ASP B 197 15.10 -7.83 -1.88
CA ASP B 197 15.53 -7.13 -3.09
C ASP B 197 16.15 -5.80 -2.67
N PRO B 198 17.41 -5.55 -3.07
CA PRO B 198 18.04 -4.34 -2.55
C PRO B 198 17.37 -2.99 -2.89
N GLY B 199 16.51 -2.97 -3.91
CA GLY B 199 15.84 -1.72 -4.29
C GLY B 199 14.50 -1.47 -3.59
N TYR B 200 14.21 -2.28 -2.57
CA TYR B 200 12.92 -2.35 -1.92
C TYR B 200 13.04 -2.63 -0.41
N LYS B 201 12.11 -2.07 0.35
CA LYS B 201 11.95 -2.33 1.78
C LYS B 201 10.57 -2.96 2.01
N MET B 202 10.55 -4.02 2.83
CA MET B 202 9.39 -4.85 3.03
C MET B 202 9.29 -5.22 4.50
N ALA B 203 8.07 -5.26 4.97
CA ALA B 203 7.86 -5.68 6.33
C ALA B 203 6.54 -6.33 6.46
N VAL B 204 6.44 -7.19 7.49
CA VAL B 204 5.20 -7.90 7.79
C VAL B 204 4.87 -7.65 9.25
N CYS B 205 3.59 -7.48 9.56
CA CYS B 205 3.13 -7.29 10.94
C CYS B 205 2.04 -8.33 11.25
N ALA B 206 2.28 -9.10 12.33
CA ALA B 206 1.44 -10.23 12.66
C ALA B 206 1.14 -10.26 14.16
N ALA B 207 0.12 -11.03 14.55
CA ALA B 207 -0.30 -11.13 15.96
C ALA B 207 0.60 -12.03 16.81
N HIS B 208 1.51 -12.76 16.17
CA HIS B 208 2.43 -13.66 16.87
C HIS B 208 3.84 -13.61 16.23
N PRO B 209 4.86 -14.19 16.91
CA PRO B 209 6.24 -14.10 16.44
C PRO B 209 6.76 -15.23 15.54
N ASP B 210 5.85 -16.05 15.01
CA ASP B 210 6.25 -17.23 14.25
C ASP B 210 6.25 -16.97 12.75
N PHE B 211 7.26 -16.21 12.31
CA PHE B 211 7.41 -15.77 10.92
C PHE B 211 8.22 -16.76 10.09
N PRO B 212 7.92 -16.92 8.80
CA PRO B 212 8.85 -17.75 8.04
C PRO B 212 10.21 -17.04 7.81
N GLU B 213 11.27 -17.83 7.64
CA GLU B 213 12.64 -17.28 7.53
C GLU B 213 12.89 -16.59 6.20
N ASP B 214 12.19 -17.07 5.17
CA ASP B 214 12.28 -16.55 3.81
C ASP B 214 10.88 -16.62 3.21
N ILE B 215 10.70 -15.91 2.10
CA ILE B 215 9.41 -15.95 1.46
C ILE B 215 9.40 -17.01 0.34
N THR B 216 8.21 -17.49 0.02
CA THR B 216 8.01 -18.44 -1.11
C THR B 216 7.65 -17.71 -2.39
N MET B 217 8.48 -17.87 -3.41
CA MET B 217 8.24 -17.27 -4.71
C MET B 217 7.20 -18.08 -5.48
N VAL B 218 6.36 -17.36 -6.22
CA VAL B 218 5.25 -17.91 -7.00
C VAL B 218 5.39 -17.37 -8.43
N SER B 219 5.30 -18.26 -9.41
CA SER B 219 5.42 -17.87 -10.82
C SER B 219 4.04 -17.66 -11.41
N TYR B 220 4.04 -17.00 -12.56
CA TYR B 220 2.81 -16.76 -13.33
C TYR B 220 2.12 -18.08 -13.67
N GLU B 221 2.92 -19.07 -14.08
CA GLU B 221 2.42 -20.40 -14.40
C GLU B 221 1.70 -21.03 -13.23
N GLU B 222 2.26 -20.92 -12.02
CA GLU B 222 1.62 -21.52 -10.84
C GLU B 222 0.26 -20.91 -10.61
N LEU B 223 0.19 -19.60 -10.85
CA LEU B 223 -1.03 -18.83 -10.64
C LEU B 223 -2.07 -19.08 -11.74
N LEU B 224 -1.61 -19.40 -12.93
CA LEU B 224 -2.49 -19.76 -14.03
C LEU B 224 -3.09 -21.16 -13.94
N ARG B 225 -2.66 -21.96 -12.97
CA ARG B 225 -3.25 -23.27 -12.71
C ARG B 225 -4.66 -23.10 -12.16
#